data_5SD1
#
_entry.id   5SD1
#
_cell.length_a   29.450
_cell.length_b   67.320
_cell.length_c   72.290
_cell.angle_alpha   90.000
_cell.angle_beta   90.000
_cell.angle_gamma   90.000
#
_symmetry.space_group_name_H-M   'P 21 21 21'
#
loop_
_entity.id
_entity.type
_entity.pdbx_description
1 polymer 'Dihydrofolate reductase'
2 non-polymer 'NADP NICOTINAMIDE-ADENINE-DINUCLEOTIDE PHOSPHATE'
3 non-polymer '(2S)-2-[(2-{3-[(2,4-diamino-6-ethylpyrimidin-5-yl)oxy]propoxy}phenyl)methyl]-3,3-difluoropropanoic acid'
4 non-polymer 1,2-ETHANEDIOL
5 non-polymer 'FORMIC ACID'
6 water water
#
_entity_poly.entity_id   1
_entity_poly.type   'polypeptide(L)'
_entity_poly.pdbx_seq_one_letter_code
;MGSSHHHHHHSSGLVPRGSHMVGLIWAQATSGVIGRGGDIPWRLPEDQAHFREITMGHTIVMGRRTWDSLPAKVRPLPGR
RNVVLSRQADFMASGAEVVGSLEEALTSPETWVIGGGQVYALALPYATRCEVTEVDIGLPREAGDALAPVLDETWRGETG
EWRFSRSGLRYRLYSYHRS
;
_entity_poly.pdbx_strand_id   A
#
loop_
_chem_comp.id
_chem_comp.type
_chem_comp.name
_chem_comp.formula
EDO non-polymer 1,2-ETHANEDIOL 'C2 H6 O2'
FMT non-polymer 'FORMIC ACID' 'C H2 O2'
I6J non-polymer '(2S)-2-[(2-{3-[(2,4-diamino-6-ethylpyrimidin-5-yl)oxy]propoxy}phenyl)methyl]-3,3-difluoropropanoic acid' 'C19 H24 F2 N4 O4'
NAP non-polymer 'NADP NICOTINAMIDE-ADENINE-DINUCLEOTIDE PHOSPHATE' 'C21 H28 N7 O17 P3'
#
# COMPACT_ATOMS: atom_id res chain seq x y z
N SER A 11 -4.64 -7.62 19.83
CA SER A 11 -4.98 -7.96 18.45
C SER A 11 -4.93 -9.48 18.25
N SER A 12 -5.41 -9.95 17.10
CA SER A 12 -5.38 -11.35 16.71
C SER A 12 -5.05 -11.47 15.23
N GLY A 13 -4.36 -12.58 14.88
CA GLY A 13 -4.03 -12.82 13.49
C GLY A 13 -5.14 -13.46 12.68
N LEU A 14 -6.14 -14.03 13.35
CA LEU A 14 -7.26 -14.63 12.64
C LEU A 14 -8.24 -13.55 12.19
N VAL A 15 -8.77 -13.68 10.99
CA VAL A 15 -9.70 -12.68 10.46
C VAL A 15 -11.07 -13.35 10.31
N PRO A 16 -12.04 -13.03 11.17
CA PRO A 16 -13.39 -13.55 11.00
C PRO A 16 -14.00 -13.01 9.70
N ARG A 17 -14.81 -13.84 9.05
CA ARG A 17 -15.34 -13.44 7.75
C ARG A 17 -16.44 -12.37 7.86
N GLY A 18 -17.01 -12.17 9.03
CA GLY A 18 -17.95 -11.10 9.23
C GLY A 18 -17.34 -9.76 9.59
N SER A 19 -16.02 -9.65 9.68
CA SER A 19 -15.39 -8.39 10.02
C SER A 19 -14.84 -7.73 8.75
N HIS A 20 -14.17 -6.57 8.94
CA HIS A 20 -13.64 -5.75 7.85
C HIS A 20 -12.26 -5.25 8.26
N MET A 21 -11.26 -6.11 8.11
CA MET A 21 -9.88 -5.78 8.43
C MET A 21 -9.28 -4.94 7.31
N VAL A 22 -8.68 -3.80 7.65
CA VAL A 22 -8.04 -2.92 6.68
C VAL A 22 -6.57 -2.81 7.04
N GLY A 23 -5.70 -3.11 6.09
CA GLY A 23 -4.27 -2.93 6.26
C GLY A 23 -3.70 -2.04 5.17
N LEU A 24 -2.61 -1.34 5.52
CA LEU A 24 -1.85 -0.55 4.55
C LEU A 24 -0.50 -1.23 4.33
N ILE A 25 -0.03 -1.22 3.09
CA ILE A 25 1.28 -1.79 2.77
C ILE A 25 1.96 -0.83 1.80
N TRP A 26 3.21 -0.48 2.11
CA TRP A 26 3.94 0.47 1.26
C TRP A 26 5.42 0.23 1.43
N ALA A 27 6.20 0.73 0.47
CA ALA A 27 7.65 0.81 0.56
C ALA A 27 8.08 2.28 0.52
N GLN A 28 9.02 2.64 1.37
CA GLN A 28 9.47 4.02 1.47
C GLN A 28 10.99 4.06 1.51
N ALA A 29 11.55 5.17 1.02
CA ALA A 29 12.93 5.48 1.35
C ALA A 29 13.00 5.90 2.81
N THR A 30 14.22 5.99 3.34
CA THR A 30 14.32 6.36 4.75
C THR A 30 13.73 7.74 5.01
N SER A 31 13.66 8.59 3.98
CA SER A 31 13.04 9.91 4.13
C SER A 31 11.53 9.86 4.19
N GLY A 32 10.91 8.71 3.97
CA GLY A 32 9.48 8.64 3.85
C GLY A 32 8.95 8.83 2.44
N VAL A 33 9.81 9.10 1.46
CA VAL A 33 9.33 9.23 0.09
C VAL A 33 8.81 7.88 -0.39
N ILE A 34 7.64 7.88 -1.01
CA ILE A 34 7.13 6.67 -1.66
C ILE A 34 6.95 6.83 -3.17
N GLY A 35 6.84 8.03 -3.69
CA GLY A 35 6.53 8.20 -5.10
C GLY A 35 6.99 9.55 -5.59
N ARG A 36 7.38 9.60 -6.86
CA ARG A 36 7.84 10.84 -7.46
C ARG A 36 7.63 10.72 -8.97
N GLY A 37 7.04 11.75 -9.56
CA GLY A 37 6.85 11.76 -11.00
C GLY A 37 5.99 10.63 -11.53
N GLY A 38 5.06 10.13 -10.72
CA GLY A 38 4.17 9.08 -11.17
C GLY A 38 4.75 7.68 -11.11
N ASP A 39 5.82 7.48 -10.36
CA ASP A 39 6.53 6.21 -10.34
C ASP A 39 7.06 6.04 -8.92
N ILE A 40 7.62 4.86 -8.65
CA ILE A 40 8.40 4.61 -7.43
C ILE A 40 9.87 4.78 -7.79
N PRO A 41 10.61 5.62 -7.10
CA PRO A 41 11.96 5.99 -7.55
C PRO A 41 13.07 5.02 -7.13
N TRP A 42 12.76 3.73 -7.08
CA TRP A 42 13.71 2.65 -6.88
C TRP A 42 12.99 1.37 -7.30
N ARG A 43 13.76 0.32 -7.51
CA ARG A 43 13.18 -1.01 -7.66
C ARG A 43 13.90 -1.96 -6.72
N LEU A 44 13.13 -2.80 -6.03
CA LEU A 44 13.67 -3.74 -5.04
C LEU A 44 12.93 -5.06 -5.16
N PRO A 45 13.54 -6.07 -5.78
CA PRO A 45 12.82 -7.34 -6.00
C PRO A 45 12.36 -8.02 -4.72
N GLU A 46 13.10 -7.92 -3.62
CA GLU A 46 12.62 -8.48 -2.37
C GLU A 46 11.34 -7.79 -1.92
N ASP A 47 11.18 -6.52 -2.28
CA ASP A 47 9.96 -5.82 -1.91
C ASP A 47 8.79 -6.22 -2.78
N GLN A 48 9.04 -6.42 -4.09
CA GLN A 48 7.98 -6.91 -4.95
C GLN A 48 7.48 -8.28 -4.49
N ALA A 49 8.39 -9.17 -4.09
CA ALA A 49 7.99 -10.49 -3.61
C ALA A 49 7.19 -10.38 -2.32
N HIS A 50 7.65 -9.51 -1.41
CA HIS A 50 6.97 -9.29 -0.14
C HIS A 50 5.57 -8.75 -0.36
N PHE A 51 5.44 -7.73 -1.22
CA PHE A 51 4.12 -7.16 -1.50
C PHE A 51 3.16 -8.22 -2.04
N ARG A 52 3.63 -9.06 -2.97
CA ARG A 52 2.79 -10.14 -3.48
C ARG A 52 2.43 -11.17 -2.40
N GLU A 53 3.40 -11.56 -1.57
CA GLU A 53 3.09 -12.55 -0.52
C GLU A 53 1.98 -12.04 0.41
N ILE A 54 2.03 -10.76 0.79
CA ILE A 54 1.04 -10.24 1.72
C ILE A 54 -0.33 -10.14 1.05
N THR A 55 -0.37 -9.57 -0.15
CA THR A 55 -1.66 -9.18 -0.70
C THR A 55 -2.35 -10.27 -1.49
N MET A 56 -1.64 -11.34 -1.88
CA MET A 56 -2.22 -12.31 -2.80
C MET A 56 -3.47 -12.92 -2.21
N GLY A 57 -4.52 -12.99 -3.02
CA GLY A 57 -5.77 -13.59 -2.58
C GLY A 57 -6.72 -12.62 -1.90
N HIS A 58 -6.31 -11.38 -1.67
CA HIS A 58 -7.16 -10.41 -0.99
C HIS A 58 -7.57 -9.29 -1.96
N THR A 59 -8.56 -8.51 -1.53
CA THR A 59 -8.89 -7.28 -2.24
C THR A 59 -7.80 -6.25 -2.02
N ILE A 60 -7.38 -5.57 -3.09
CA ILE A 60 -6.46 -4.43 -3.00
C ILE A 60 -7.19 -3.18 -3.45
N VAL A 61 -6.99 -2.10 -2.70
CA VAL A 61 -7.62 -0.81 -2.95
C VAL A 61 -6.51 0.17 -3.27
N MET A 62 -6.64 0.90 -4.39
CA MET A 62 -5.60 1.85 -4.76
C MET A 62 -6.22 3.17 -5.23
N GLY A 63 -5.44 4.24 -5.11
CA GLY A 63 -5.81 5.49 -5.72
C GLY A 63 -5.75 5.43 -7.24
N ARG A 64 -6.54 6.30 -7.87
CA ARG A 64 -6.52 6.41 -9.33
C ARG A 64 -5.10 6.65 -9.85
N ARG A 65 -4.31 7.48 -9.17
CA ARG A 65 -2.97 7.78 -9.67
C ARG A 65 -2.05 6.56 -9.56
N THR A 66 -2.32 5.65 -8.61
CA THR A 66 -1.54 4.43 -8.51
C THR A 66 -1.92 3.43 -9.61
N TRP A 67 -3.21 3.32 -9.93
CA TRP A 67 -3.63 2.57 -11.12
C TRP A 67 -2.93 3.10 -12.36
N ASP A 68 -2.87 4.44 -12.50
CA ASP A 68 -2.21 5.05 -13.65
C ASP A 68 -0.73 4.67 -13.72
N SER A 69 -0.10 4.46 -12.56
CA SER A 69 1.33 4.16 -12.58
C SER A 69 1.62 2.71 -12.94
N LEU A 70 0.63 1.85 -12.93
CA LEU A 70 0.80 0.47 -13.35
C LEU A 70 0.79 0.43 -14.87
N PRO A 71 1.79 -0.21 -15.50
CA PRO A 71 1.72 -0.41 -16.95
C PRO A 71 0.41 -1.09 -17.33
N ALA A 72 -0.14 -0.67 -18.48
CA ALA A 72 -1.46 -1.17 -18.88
C ALA A 72 -1.45 -2.68 -19.04
N LYS A 73 -0.35 -3.24 -19.54
CA LYS A 73 -0.33 -4.67 -19.77
C LYS A 73 -0.38 -5.48 -18.49
N VAL A 74 0.00 -4.92 -17.34
CA VAL A 74 -0.01 -5.69 -16.11
C VAL A 74 -1.25 -5.47 -15.26
N ARG A 75 -2.02 -4.45 -15.52
CA ARG A 75 -3.15 -4.21 -14.63
C ARG A 75 -4.43 -4.78 -15.25
N PRO A 76 -5.39 -5.28 -14.44
CA PRO A 76 -5.45 -5.31 -12.98
C PRO A 76 -4.46 -6.32 -12.42
N LEU A 77 -3.94 -6.10 -11.21
CA LEU A 77 -2.93 -7.02 -10.69
C LEU A 77 -3.56 -8.40 -10.48
N PRO A 78 -2.91 -9.46 -10.94
CA PRO A 78 -3.53 -10.78 -10.89
C PRO A 78 -3.59 -11.35 -9.47
N GLY A 79 -4.57 -12.22 -9.27
CA GLY A 79 -4.72 -12.92 -8.01
C GLY A 79 -5.42 -12.14 -6.92
N ARG A 80 -5.91 -10.94 -7.23
CA ARG A 80 -6.45 -10.00 -6.26
C ARG A 80 -7.58 -9.21 -6.91
N ARG A 81 -8.66 -9.00 -6.15
CA ARG A 81 -9.72 -8.09 -6.57
C ARG A 81 -9.18 -6.65 -6.53
N ASN A 82 -9.14 -6.01 -7.69
CA ASN A 82 -8.60 -4.66 -7.82
C ASN A 82 -9.73 -3.66 -7.67
N VAL A 83 -9.59 -2.74 -6.72
CA VAL A 83 -10.54 -1.63 -6.55
C VAL A 83 -9.75 -0.32 -6.63
N VAL A 84 -10.26 0.61 -7.43
CA VAL A 84 -9.60 1.89 -7.68
C VAL A 84 -10.50 3.01 -7.18
N LEU A 85 -9.94 3.97 -6.44
CA LEU A 85 -10.69 5.11 -5.93
C LEU A 85 -10.52 6.30 -6.86
N SER A 86 -11.64 6.91 -7.28
CA SER A 86 -11.63 8.12 -8.09
C SER A 86 -12.87 8.93 -7.78
N ARG A 87 -12.73 10.25 -7.88
CA ARG A 87 -13.86 11.16 -7.83
C ARG A 87 -14.35 11.55 -9.22
N GLN A 88 -13.71 11.05 -10.29
CA GLN A 88 -14.11 11.41 -11.63
C GLN A 88 -15.15 10.42 -12.13
N ALA A 89 -16.34 10.93 -12.47
CA ALA A 89 -17.42 10.05 -12.90
C ALA A 89 -17.09 9.32 -14.18
N ASP A 90 -16.13 9.80 -14.96
CA ASP A 90 -15.81 9.22 -16.25
C ASP A 90 -14.46 8.50 -16.25
N PHE A 91 -13.82 8.34 -15.10
CA PHE A 91 -12.63 7.51 -15.06
C PHE A 91 -13.02 6.04 -15.01
N MET A 92 -12.40 5.22 -15.87
CA MET A 92 -12.68 3.79 -15.88
C MET A 92 -11.37 3.01 -15.85
N ALA A 93 -11.43 1.84 -15.20
CA ALA A 93 -10.27 0.97 -15.02
C ALA A 93 -10.66 -0.39 -15.58
N SER A 94 -10.23 -0.69 -16.80
CA SER A 94 -10.61 -1.94 -17.43
C SER A 94 -10.14 -3.13 -16.62
N GLY A 95 -11.05 -4.06 -16.35
CA GLY A 95 -10.77 -5.22 -15.54
C GLY A 95 -10.95 -5.05 -14.06
N ALA A 96 -11.27 -3.83 -13.59
CA ALA A 96 -11.32 -3.52 -12.17
C ALA A 96 -12.55 -2.66 -11.87
N GLU A 97 -12.82 -2.48 -10.58
CA GLU A 97 -13.97 -1.71 -10.12
C GLU A 97 -13.49 -0.34 -9.64
N VAL A 98 -14.16 0.72 -10.11
CA VAL A 98 -13.91 2.09 -9.68
C VAL A 98 -15.01 2.52 -8.73
N VAL A 99 -14.64 2.98 -7.53
CA VAL A 99 -15.61 3.47 -6.57
C VAL A 99 -15.17 4.86 -6.12
N GLY A 100 -16.13 5.62 -5.59
CA GLY A 100 -15.90 6.99 -5.23
C GLY A 100 -15.61 7.22 -3.76
N SER A 101 -15.49 6.17 -2.98
CA SER A 101 -15.18 6.37 -1.58
C SER A 101 -14.55 5.12 -1.01
N LEU A 102 -13.85 5.32 0.11
CA LEU A 102 -13.34 4.22 0.89
C LEU A 102 -14.45 3.40 1.49
N GLU A 103 -15.59 4.02 1.80
CA GLU A 103 -16.70 3.26 2.36
C GLU A 103 -17.22 2.23 1.38
N GLU A 104 -17.22 2.56 0.09
CA GLU A 104 -17.66 1.63 -0.94
CA GLU A 104 -17.69 1.60 -0.90
C GLU A 104 -16.64 0.52 -1.17
N ALA A 105 -15.36 0.83 -0.99
CA ALA A 105 -14.28 -0.09 -1.31
C ALA A 105 -14.07 -1.16 -0.24
N LEU A 106 -14.39 -0.86 1.01
CA LEU A 106 -14.03 -1.74 2.12
C LEU A 106 -15.16 -2.73 2.47
N THR A 107 -15.52 -3.56 1.50
CA THR A 107 -16.59 -4.53 1.71
C THR A 107 -16.08 -5.94 1.96
N SER A 108 -14.82 -6.23 1.65
CA SER A 108 -14.25 -7.56 1.82
C SER A 108 -13.84 -7.79 3.26
N PRO A 109 -13.68 -9.05 3.68
CA PRO A 109 -13.19 -9.28 5.05
C PRO A 109 -11.76 -8.83 5.27
N GLU A 110 -10.94 -8.85 4.24
CA GLU A 110 -9.54 -8.44 4.35
CA GLU A 110 -9.54 -8.43 4.35
C GLU A 110 -9.19 -7.58 3.14
N THR A 111 -8.83 -6.33 3.40
CA THR A 111 -8.51 -5.39 2.34
C THR A 111 -7.12 -4.84 2.60
N TRP A 112 -6.30 -4.80 1.56
CA TRP A 112 -4.98 -4.19 1.62
C TRP A 112 -5.00 -2.91 0.78
N VAL A 113 -4.80 -1.78 1.44
CA VAL A 113 -4.66 -0.50 0.74
C VAL A 113 -3.22 -0.39 0.25
N ILE A 114 -3.05 -0.31 -1.08
CA ILE A 114 -1.73 -0.44 -1.70
C ILE A 114 -1.22 0.89 -2.26
N GLY A 115 -1.80 2.01 -1.85
CA GLY A 115 -1.32 3.32 -2.21
C GLY A 115 -2.32 4.11 -3.05
N GLY A 116 -1.94 5.35 -3.34
CA GLY A 116 -0.66 5.91 -2.95
C GLY A 116 -0.75 6.85 -1.77
N GLY A 117 -0.02 7.97 -1.84
CA GLY A 117 0.09 8.88 -0.71
C GLY A 117 -1.26 9.38 -0.22
N GLN A 118 -2.11 9.83 -1.14
CA GLN A 118 -3.43 10.33 -0.75
C GLN A 118 -4.27 9.23 -0.12
N VAL A 119 -4.30 8.05 -0.74
CA VAL A 119 -5.20 7.03 -0.25
C VAL A 119 -4.72 6.45 1.09
N TYR A 120 -3.39 6.37 1.31
CA TYR A 120 -2.90 5.96 2.63
C TYR A 120 -3.44 6.88 3.73
N ALA A 121 -3.32 8.18 3.52
CA ALA A 121 -3.80 9.12 4.52
C ALA A 121 -5.30 8.98 4.71
N LEU A 122 -6.03 8.72 3.62
CA LEU A 122 -7.47 8.54 3.68
C LEU A 122 -7.84 7.29 4.50
N ALA A 123 -7.10 6.21 4.33
CA ALA A 123 -7.48 4.92 4.89
C ALA A 123 -6.98 4.71 6.30
N LEU A 124 -5.94 5.45 6.71
CA LEU A 124 -5.33 5.24 8.03
C LEU A 124 -6.33 5.19 9.18
N PRO A 125 -7.36 6.07 9.26
CA PRO A 125 -8.27 6.01 10.42
C PRO A 125 -8.98 4.67 10.58
N TYR A 126 -9.07 3.88 9.51
CA TYR A 126 -9.74 2.59 9.56
C TYR A 126 -8.78 1.41 9.64
N ALA A 127 -7.47 1.65 9.51
CA ALA A 127 -6.52 0.57 9.41
C ALA A 127 -6.13 0.07 10.80
N THR A 128 -5.85 -1.23 10.88
CA THR A 128 -5.35 -1.85 12.10
C THR A 128 -4.01 -2.53 11.87
N ARG A 129 -3.53 -2.55 10.63
CA ARG A 129 -2.24 -3.13 10.29
C ARG A 129 -1.56 -2.24 9.26
N CYS A 130 -0.23 -2.11 9.39
CA CYS A 130 0.64 -1.58 8.34
C CYS A 130 1.83 -2.52 8.16
N GLU A 131 2.19 -2.76 6.90
CA GLU A 131 3.36 -3.54 6.53
C GLU A 131 4.25 -2.65 5.68
N VAL A 132 5.45 -2.34 6.17
CA VAL A 132 6.31 -1.34 5.56
C VAL A 132 7.58 -2.01 5.08
N THR A 133 8.07 -1.59 3.92
CA THR A 133 9.44 -1.86 3.53
C THR A 133 10.19 -0.53 3.51
N GLU A 134 11.31 -0.48 4.21
CA GLU A 134 12.12 0.73 4.18
C GLU A 134 13.41 0.44 3.43
N VAL A 135 13.69 1.28 2.44
CA VAL A 135 14.85 1.14 1.56
C VAL A 135 15.87 2.18 1.97
N ASP A 136 17.09 1.72 2.22
CA ASP A 136 18.13 2.62 2.71
C ASP A 136 18.78 3.31 1.52
N ILE A 137 17.97 4.13 0.86
CA ILE A 137 18.41 4.94 -0.27
C ILE A 137 18.24 6.40 0.13
N GLY A 138 19.25 7.22 -0.19
CA GLY A 138 19.20 8.62 0.19
C GLY A 138 18.38 9.44 -0.78
N LEU A 139 17.06 9.48 -0.58
CA LEU A 139 16.14 10.20 -1.46
C LEU A 139 15.49 11.29 -0.63
N PRO A 140 16.03 12.49 -0.64
CA PRO A 140 15.42 13.59 0.11
C PRO A 140 14.08 14.01 -0.47
N ARG A 141 13.20 14.49 0.42
CA ARG A 141 11.84 14.84 0.01
C ARG A 141 11.86 16.08 -0.87
N GLU A 142 11.15 16.03 -1.98
CA GLU A 142 10.98 17.21 -2.81
C GLU A 142 9.49 17.53 -2.93
N ALA A 143 9.21 18.77 -3.29
CA ALA A 143 7.83 19.21 -3.42
C ALA A 143 7.14 18.42 -4.51
N GLY A 144 5.94 17.92 -4.21
CA GLY A 144 5.20 17.08 -5.12
C GLY A 144 5.36 15.59 -4.89
N ASP A 145 6.29 15.18 -4.03
CA ASP A 145 6.48 13.78 -3.72
C ASP A 145 5.27 13.21 -2.99
N ALA A 146 4.97 11.96 -3.29
CA ALA A 146 4.07 11.18 -2.44
C ALA A 146 4.87 10.65 -1.26
N LEU A 147 4.28 10.75 -0.07
CA LEU A 147 4.94 10.38 1.18
C LEU A 147 4.13 9.33 1.91
N ALA A 148 4.85 8.51 2.68
CA ALA A 148 4.24 7.52 3.53
C ALA A 148 3.45 8.19 4.65
N PRO A 149 2.42 7.54 5.17
CA PRO A 149 1.70 8.12 6.30
C PRO A 149 2.56 8.07 7.56
N VAL A 150 2.36 9.04 8.42
CA VAL A 150 3.00 9.04 9.72
C VAL A 150 2.10 8.29 10.69
N LEU A 151 2.71 7.45 11.53
CA LEU A 151 1.95 6.64 12.49
C LEU A 151 2.12 7.24 13.87
N ASP A 152 1.00 7.59 14.49
CA ASP A 152 0.99 8.17 15.82
C ASP A 152 1.26 7.06 16.85
N GLU A 153 1.20 7.44 18.12
CA GLU A 153 1.52 6.53 19.21
C GLU A 153 0.51 5.40 19.39
N THR A 154 -0.64 5.42 18.69
CA THR A 154 -1.56 4.30 18.88
C THR A 154 -1.09 3.06 18.13
N TRP A 155 -0.06 3.18 17.31
CA TRP A 155 0.48 2.07 16.54
C TRP A 155 1.69 1.51 17.25
N ARG A 156 1.68 0.20 17.51
CA ARG A 156 2.87 -0.48 18.01
C ARG A 156 3.52 -1.19 16.83
N GLY A 157 4.84 -1.07 16.72
CA GLY A 157 5.57 -1.57 15.57
C GLY A 157 6.63 -2.59 15.95
N GLU A 158 6.94 -3.47 15.01
CA GLU A 158 8.09 -4.38 15.08
C GLU A 158 9.03 -3.99 13.94
N THR A 159 10.27 -3.70 14.29
CA THR A 159 11.25 -3.27 13.30
C THR A 159 12.24 -4.40 13.05
N GLY A 160 12.33 -4.86 11.80
CA GLY A 160 13.31 -5.85 11.46
C GLY A 160 14.72 -5.27 11.41
N GLU A 161 15.71 -6.14 11.61
CA GLU A 161 17.08 -5.74 11.38
C GLU A 161 17.29 -5.40 9.90
N TRP A 162 18.32 -4.59 9.64
CA TRP A 162 18.71 -4.27 8.27
C TRP A 162 19.12 -5.54 7.54
N ARG A 163 18.56 -5.74 6.34
CA ARG A 163 18.93 -6.79 5.42
C ARG A 163 19.52 -6.17 4.16
N PHE A 164 20.01 -7.03 3.27
CA PHE A 164 20.76 -6.56 2.11
C PHE A 164 20.19 -7.21 0.85
N SER A 165 19.77 -6.38 -0.09
CA SER A 165 19.15 -6.84 -1.33
C SER A 165 20.18 -7.39 -2.29
N ARG A 166 19.75 -8.30 -3.16
CA ARG A 166 20.58 -8.69 -4.28
C ARG A 166 20.89 -7.49 -5.16
N SER A 167 20.02 -6.50 -5.18
CA SER A 167 20.30 -5.30 -5.96
C SER A 167 21.24 -4.31 -5.23
N GLY A 168 21.79 -4.68 -4.07
CA GLY A 168 22.80 -3.85 -3.42
C GLY A 168 22.29 -2.70 -2.57
N LEU A 169 21.02 -2.72 -2.18
CA LEU A 169 20.48 -1.75 -1.24
C LEU A 169 20.18 -2.44 0.09
N ARG A 170 20.47 -1.75 1.19
CA ARG A 170 19.95 -2.22 2.47
C ARG A 170 18.46 -1.93 2.54
N TYR A 171 17.73 -2.81 3.24
CA TYR A 171 16.31 -2.62 3.44
C TYR A 171 15.92 -3.36 4.71
N ARG A 172 14.79 -2.96 5.29
CA ARG A 172 14.26 -3.65 6.46
C ARG A 172 12.75 -3.57 6.40
N LEU A 173 12.09 -4.51 7.09
CA LEU A 173 10.65 -4.57 7.15
C LEU A 173 10.16 -4.10 8.53
N TYR A 174 9.00 -3.46 8.55
CA TYR A 174 8.26 -3.12 9.76
C TYR A 174 6.88 -3.71 9.67
N SER A 175 6.36 -4.17 10.81
CA SER A 175 4.95 -4.51 10.95
C SER A 175 4.37 -3.70 12.10
N TYR A 176 3.29 -2.98 11.83
CA TYR A 176 2.58 -2.20 12.85
C TYR A 176 1.17 -2.75 13.02
N HIS A 177 0.67 -2.66 14.26
CA HIS A 177 -0.70 -3.04 14.58
C HIS A 177 -1.30 -2.00 15.52
N ARG A 178 -2.63 -2.00 15.59
CA ARG A 178 -3.37 -1.28 16.60
C ARG A 178 -4.75 -1.91 16.68
N SER A 179 -5.50 -1.51 17.69
CA SER A 179 -6.80 -2.15 17.96
C SER A 179 -7.91 -1.65 17.03
PA NAP B . -2.97 8.15 -5.10
O1A NAP B . -3.18 8.16 -3.64
O2A NAP B . -2.36 6.85 -5.63
O5B NAP B . -4.31 8.39 -5.95
C5B NAP B . -4.90 9.69 -5.81
C4B NAP B . -6.27 9.73 -6.44
O4B NAP B . -7.19 8.91 -5.67
C3B NAP B . -6.90 11.12 -6.46
O3B NAP B . -6.38 11.89 -7.54
C2B NAP B . -8.36 10.71 -6.64
O2B NAP B . -8.59 10.32 -8.01
C1B NAP B . -8.48 9.49 -5.74
N9A NAP B . -8.96 9.82 -4.39
C8A NAP B . -8.23 10.35 -3.36
N7A NAP B . -8.92 10.58 -2.27
C5A NAP B . -10.20 10.17 -2.62
C6A NAP B . -11.42 10.15 -1.90
N6A NAP B . -11.57 10.65 -0.66
N1A NAP B . -12.51 9.65 -2.53
C2A NAP B . -12.39 9.22 -3.78
N3A NAP B . -11.31 9.20 -4.56
C4A NAP B . -10.24 9.69 -3.92
O3 NAP B . -1.99 9.35 -5.50
PN NAP B . -0.61 9.89 -4.92
O1N NAP B . -0.83 10.26 -3.49
O2N NAP B . -0.11 10.91 -5.86
O5D NAP B . 0.29 8.59 -4.98
C5D NAP B . 0.76 8.09 -6.26
C4D NAP B . 2.27 7.95 -6.21
O4D NAP B . 2.66 6.98 -5.20
C3D NAP B . 2.91 7.46 -7.51
O3D NAP B . 4.21 8.04 -7.61
C2D NAP B . 3.08 5.97 -7.27
O2D NAP B . 4.16 5.45 -8.03
C1D NAP B . 3.44 5.97 -5.78
N1N NAP B . 3.16 4.63 -5.05
C2N NAP B . 4.13 4.18 -4.24
C3N NAP B . 3.93 3.06 -3.46
C7N NAP B . 5.02 2.51 -2.59
O7N NAP B . 4.74 1.65 -1.74
N7N NAP B . 6.25 3.04 -2.71
C4N NAP B . 2.71 2.40 -3.55
C5N NAP B . 1.73 2.86 -4.42
C6N NAP B . 1.97 3.99 -5.16
P2B NAP B . -9.26 11.29 -9.10
O1X NAP B . -9.48 10.47 -10.31
O2X NAP B . -10.54 11.81 -8.46
O3X NAP B . -8.25 12.40 -9.37
C10 I6J C . 3.81 -1.30 -3.41
C10 I6J C . 3.80 -1.30 -3.46
C13 I6J C . 1.69 -1.00 -6.45
C13 I6J C . 1.96 -1.11 -6.67
C17 I6J C . 5.29 -1.20 -8.71
C17 I6J C . 4.04 -0.69 -10.15
C20 I6J C . 5.90 -3.65 -9.81
C20 I6J C . 5.07 -3.08 -11.01
C21 I6J C . 4.65 -3.49 -9.22
C21 I6J C . 4.79 -2.93 -9.65
C22 I6J C . 3.69 -4.68 -9.27
C22 I6J C . 5.09 -4.07 -8.70
C24 I6J C . 4.63 -6.04 -7.28
C24 I6J C . 4.67 -6.41 -8.03
C01 I6J C . 5.81 -3.13 -5.48
C01 I6J C . 6.17 -3.31 -5.19
C02 I6J C . 5.83 -1.73 -4.81
C02 I6J C . 5.84 -1.85 -4.82
C03 I6J C . 5.10 -1.76 -3.51
C03 I6J C . 5.07 -1.81 -3.53
C05 I6J C . 5.10 -2.30 -1.27
C05 I6J C . 5.04 -2.29 -1.29
C08 I6J C . 3.21 -1.36 -2.15
C08 I6J C . 3.18 -1.32 -2.19
C12 I6J C . 2.24 -1.72 -5.20
C12 I6J C . 2.28 -1.72 -5.30
C14 I6J C . 2.79 -0.72 -7.47
C14 I6J C . 3.17 -0.46 -7.36
C16 I6J C . 4.35 -2.22 -8.67
C16 I6J C . 4.26 -1.70 -9.23
C18 I6J C . 6.54 -1.40 -9.29
C18 I6J C . 4.32 -0.87 -11.50
C19 I6J C . 6.85 -2.62 -9.84
C19 I6J C . 4.83 -2.07 -11.93
C23 I6J C . 3.41 -5.55 -8.01
C23 I6J C . 4.00 -5.08 -8.24
C27 I6J C . 2.47 -6.79 -8.40
C27 I6J C . 2.72 -5.24 -9.17
F25 I6J C . 4.83 -7.41 -7.41
F25 I6J C . 4.64 -6.81 -6.69
F26 I6J C . 5.82 -5.40 -7.57
F26 I6J C . 5.98 -6.44 -8.45
N04 I6J C . 5.74 -2.26 -2.43
N04 I6J C . 5.68 -2.31 -2.44
N06 I6J C . 5.77 -2.80 -0.20
N06 I6J C . 5.67 -2.79 -0.19
N07 I6J C . 3.85 -1.86 -1.09
N07 I6J C . 3.80 -1.81 -1.13
N09 I6J C . 1.95 -0.92 -2.01
N09 I6J C . 1.94 -0.83 -2.06
O11 I6J C . 3.10 -0.78 -4.48
O11 I6J C . 3.11 -0.78 -4.55
O15 I6J C . 3.11 -2.00 -8.08
O15 I6J C . 3.98 -1.54 -7.89
O28 I6J C . 2.35 -7.03 -9.61
O28 I6J C . 2.42 -4.30 -9.94
O29 I6J C . 1.96 -7.40 -7.43
O29 I6J C . 2.16 -6.34 -8.99
C1 EDO D . 8.40 3.72 9.46
O1 EDO D . 7.03 3.69 9.84
C2 EDO D . 8.98 5.01 10.04
O2 EDO D . 10.22 5.27 9.37
C1 EDO E . 9.28 -1.93 -6.24
O1 EDO E . 10.51 -2.48 -6.73
C2 EDO E . 9.58 -0.77 -5.30
O2 EDO E . 10.03 -1.28 -4.03
C FMT F . 1.12 10.57 -9.81
O1 FMT F . 1.22 10.39 -8.59
O2 FMT F . 0.12 10.98 -10.37
#